data_2GA1
#
_entry.id   2GA1
#
_cell.length_a   46.980
_cell.length_b   65.120
_cell.length_c   86.860
_cell.angle_alpha   90.000
_cell.angle_beta   90.000
_cell.angle_gamma   90.000
#
_symmetry.space_group_name_H-M   'P 21 21 21'
#
loop_
_entity.id
_entity.type
_entity.pdbx_description
1 polymer 'Protein of unknown function DUF433'
2 non-polymer GLYCEROL
3 water water
#
_entity_poly.entity_id   1
_entity_poly.type   'polypeptide(L)'
_entity_poly.pdbx_seq_one_letter_code
;G(MSE)NKKTQLLEVIAALPEELVDQALNYVQ(MSE)LQNPIQITPGVCGGQARIRNTRIPVWTLVAYRQQGAPDKELLA
NYPGLTAEDLSAAWHYYEQNPEQIDREIAQDDLV
;
_entity_poly.pdbx_strand_id   A,B
#
# COMPACT_ATOMS: atom_id res chain seq x y z
C GLY A 1 17.89 -8.30 13.65
N ASN A 3 17.67 -5.04 15.07
CA ASN A 3 17.22 -3.65 14.95
C ASN A 3 16.37 -3.52 13.67
N LYS A 4 15.07 -3.32 13.88
CA LYS A 4 14.11 -3.26 12.79
C LYS A 4 14.25 -2.02 11.95
N LYS A 5 14.76 -0.94 12.54
CA LYS A 5 15.02 0.28 11.79
C LYS A 5 16.15 0.02 10.80
N THR A 6 17.23 -0.65 11.24
CA THR A 6 18.36 -0.92 10.34
C THR A 6 17.97 -1.99 9.32
N GLN A 7 17.11 -2.93 9.71
CA GLN A 7 16.54 -3.88 8.74
C GLN A 7 15.72 -3.12 7.67
N LEU A 8 14.91 -2.14 8.09
CA LEU A 8 14.14 -1.30 7.15
C LEU A 8 15.11 -0.58 6.22
N LEU A 9 16.20 -0.04 6.74
CA LEU A 9 17.19 0.59 5.84
C LEU A 9 17.73 -0.41 4.81
N GLU A 10 17.98 -1.65 5.24
CA GLU A 10 18.52 -2.68 4.35
C GLU A 10 17.55 -3.01 3.25
N VAL A 11 16.27 -3.15 3.59
CA VAL A 11 15.29 -3.55 2.58
C VAL A 11 15.01 -2.41 1.59
N ILE A 12 14.87 -1.17 2.07
CA ILE A 12 14.72 -0.07 1.12
C ILE A 12 15.90 0.05 0.17
N ALA A 13 17.13 -0.13 0.65
CA ALA A 13 18.30 -0.09 -0.23
C ALA A 13 18.27 -1.19 -1.30
N ALA A 14 17.65 -2.33 -1.01
CA ALA A 14 17.52 -3.45 -1.96
C ALA A 14 16.31 -3.38 -2.91
N LEU A 15 15.52 -2.31 -2.81
CA LEU A 15 14.27 -2.19 -3.56
C LEU A 15 14.53 -1.81 -5.04
N PRO A 16 13.94 -2.53 -6.00
CA PRO A 16 14.10 -2.00 -7.35
C PRO A 16 13.48 -0.60 -7.54
N GLU A 17 14.15 0.21 -8.36
CA GLU A 17 13.71 1.59 -8.66
C GLU A 17 12.21 1.71 -8.89
N GLU A 18 11.70 0.71 -9.59
CA GLU A 18 10.35 0.68 -10.09
C GLU A 18 9.34 0.53 -8.97
N LEU A 19 9.79 0.10 -7.79
CA LEU A 19 8.87 -0.05 -6.65
C LEU A 19 9.00 1.05 -5.62
N VAL A 20 9.98 1.93 -5.79
CA VAL A 20 10.22 2.99 -4.82
C VAL A 20 9.05 3.93 -4.65
N ASP A 21 8.42 4.36 -5.74
CA ASP A 21 7.26 5.24 -5.61
C ASP A 21 6.13 4.61 -4.77
N GLN A 22 5.85 3.35 -5.07
CA GLN A 22 4.85 2.62 -4.34
C GLN A 22 5.13 2.64 -2.86
N ALA A 23 6.38 2.42 -2.50
CA ALA A 23 6.78 2.44 -1.10
C ALA A 23 6.69 3.84 -0.49
N LEU A 24 7.02 4.87 -1.29
CA LEU A 24 6.87 6.24 -0.85
C LEU A 24 5.41 6.53 -0.53
N ASN A 25 4.51 6.13 -1.42
CA ASN A 25 3.07 6.38 -1.22
C ASN A 25 2.53 5.66 0.02
N TYR A 26 2.98 4.42 0.20
CA TYR A 26 2.58 3.65 1.38
C TYR A 26 2.99 4.36 2.65
N VAL A 27 4.24 4.79 2.71
CA VAL A 27 4.72 5.46 3.92
C VAL A 27 4.02 6.79 4.19
N GLN A 28 3.71 7.54 3.13
CA GLN A 28 2.89 8.75 3.26
C GLN A 28 1.53 8.41 3.88
N LEU A 30 0.89 5.84 5.78
CA LEU A 30 1.18 5.53 7.20
C LEU A 30 1.26 6.72 8.14
N GLN A 31 1.90 7.77 7.68
CA GLN A 31 2.15 8.99 8.44
C GLN A 31 1.05 10.01 8.39
N ASN A 32 0.08 9.83 7.48
CA ASN A 32 -1.04 10.76 7.31
C ASN A 32 -1.80 10.89 8.64
N PRO A 33 -1.99 12.13 9.13
CA PRO A 33 -2.84 12.36 10.30
C PRO A 33 -4.23 11.76 10.17
N ILE A 34 -4.71 11.61 8.93
CA ILE A 34 -6.06 11.04 8.68
C ILE A 34 -5.89 9.58 8.30
N GLN A 35 -6.54 8.69 9.03
CA GLN A 35 -6.42 7.24 8.82
C GLN A 35 -7.77 6.65 8.54
N ILE A 36 -7.79 5.68 7.64
CA ILE A 36 -9.01 4.92 7.37
C ILE A 36 -8.72 3.42 7.40
N THR A 37 -9.30 2.71 8.36
CA THR A 37 -9.19 1.25 8.32
C THR A 37 -10.45 0.58 8.83
N PRO A 38 -10.83 -0.57 8.27
CA PRO A 38 -12.11 -1.15 8.71
C PRO A 38 -12.26 -1.39 10.22
N GLY A 39 -11.17 -1.67 10.91
CA GLY A 39 -11.24 -2.10 12.31
C GLY A 39 -11.20 -1.00 13.35
N VAL A 40 -11.17 0.25 12.90
CA VAL A 40 -11.25 1.40 13.81
C VAL A 40 -12.34 2.34 13.34
N CYS A 41 -13.20 2.75 14.28
CA CYS A 41 -14.29 3.74 14.05
C CYS A 41 -15.21 3.31 12.91
N GLY A 42 -15.42 2.01 12.81
CA GLY A 42 -16.28 1.42 11.78
C GLY A 42 -15.87 1.78 10.35
N GLY A 43 -14.56 1.88 10.14
CA GLY A 43 -14.00 2.32 8.83
C GLY A 43 -14.14 3.81 8.45
N GLN A 44 -14.53 4.65 9.42
CA GLN A 44 -14.64 6.09 9.22
C GLN A 44 -13.25 6.74 9.35
N ALA A 45 -13.06 7.85 8.65
CA ALA A 45 -11.83 8.58 8.68
C ALA A 45 -11.66 9.10 10.12
N ARG A 46 -10.48 8.91 10.64
CA ARG A 46 -10.17 9.26 12.03
CA ARG A 46 -10.17 9.27 12.03
C ARG A 46 -8.77 9.82 12.13
N ILE A 47 -8.48 10.38 13.30
CA ILE A 47 -7.19 10.94 13.58
C ILE A 47 -6.24 9.82 14.00
N ARG A 48 -5.10 9.76 13.34
CA ARG A 48 -4.08 8.76 13.65
C ARG A 48 -3.89 8.65 15.13
N ASN A 49 -3.80 7.40 15.62
CA ASN A 49 -3.51 7.08 17.04
C ASN A 49 -4.63 7.46 17.99
N THR A 50 -5.86 7.66 17.46
CA THR A 50 -7.05 7.97 18.27
C THR A 50 -8.22 7.17 17.77
N ARG A 51 -9.32 7.17 18.51
CA ARG A 51 -10.60 6.74 17.93
C ARG A 51 -11.57 7.90 17.78
N ILE A 52 -11.01 9.07 17.37
CA ILE A 52 -11.79 10.29 17.13
C ILE A 52 -12.04 10.43 15.63
N PRO A 53 -13.27 10.25 15.20
CA PRO A 53 -13.53 10.42 13.76
C PRO A 53 -13.53 11.87 13.29
N VAL A 54 -13.05 12.09 12.07
CA VAL A 54 -13.10 13.39 11.44
C VAL A 54 -14.49 14.04 11.61
N TRP A 55 -15.54 13.24 11.47
CA TRP A 55 -16.89 13.80 11.46
C TRP A 55 -17.23 14.50 12.76
N THR A 56 -16.67 14.03 13.87
CA THR A 56 -16.99 14.63 15.14
C THR A 56 -16.34 16.02 15.24
N LEU A 57 -15.12 16.13 14.73
CA LEU A 57 -14.41 17.41 14.74
C LEU A 57 -15.07 18.43 13.81
N VAL A 58 -15.51 17.98 12.63
CA VAL A 58 -16.26 18.83 11.73
C VAL A 58 -17.58 19.29 12.36
N ALA A 59 -18.29 18.38 13.04
CA ALA A 59 -19.55 18.74 13.69
C ALA A 59 -19.33 19.84 14.75
N TYR A 60 -18.28 19.68 15.56
CA TYR A 60 -17.95 20.69 16.58
C TYR A 60 -17.60 22.05 15.93
N ARG A 61 -16.78 22.00 14.89
CA ARG A 61 -16.43 23.20 14.13
C ARG A 61 -17.70 23.88 13.56
N GLN A 62 -18.63 23.07 13.05
CA GLN A 62 -19.83 23.62 12.44
C GLN A 62 -20.77 24.19 13.51
N GLN A 63 -20.63 23.78 14.77
CA GLN A 63 -21.34 24.42 15.88
C GLN A 63 -20.57 25.59 16.50
N GLY A 64 -19.47 26.01 15.90
CA GLY A 64 -18.73 27.18 16.37
C GLY A 64 -17.52 26.95 17.29
N ALA A 65 -17.08 25.71 17.47
CA ALA A 65 -15.90 25.43 18.28
C ALA A 65 -14.64 25.90 17.53
N PRO A 66 -13.85 26.83 18.11
CA PRO A 66 -12.67 27.24 17.38
C PRO A 66 -11.61 26.22 17.64
N ASP A 67 -10.57 26.29 16.83
CA ASP A 67 -9.52 25.30 16.92
C ASP A 67 -8.96 25.21 18.32
N LYS A 68 -8.79 26.34 19.00
CA LYS A 68 -8.13 26.33 20.30
C LYS A 68 -8.91 25.52 21.33
N GLU A 69 -10.23 25.56 21.23
CA GLU A 69 -11.11 24.77 22.08
C GLU A 69 -10.94 23.28 21.83
N LEU A 70 -10.89 22.88 20.56
CA LEU A 70 -10.73 21.47 20.22
C LEU A 70 -9.42 20.98 20.80
N LEU A 71 -8.39 21.80 20.72
CA LEU A 71 -7.05 21.38 21.16
C LEU A 71 -6.94 21.29 22.68
N ALA A 72 -7.66 22.17 23.38
CA ALA A 72 -7.68 22.16 24.85
C ALA A 72 -8.45 20.92 25.33
N ASN A 73 -9.55 20.63 24.64
CA ASN A 73 -10.45 19.55 25.02
C ASN A 73 -9.84 18.18 24.80
N TYR A 74 -9.08 18.03 23.72
CA TYR A 74 -8.55 16.74 23.31
C TYR A 74 -7.05 16.95 23.16
N PRO A 75 -6.33 16.94 24.30
CA PRO A 75 -4.90 17.28 24.33
C PRO A 75 -3.99 16.34 23.53
N GLY A 76 -4.52 15.26 22.95
CA GLY A 76 -3.76 14.42 22.04
C GLY A 76 -3.69 15.00 20.64
N LEU A 77 -4.62 15.87 20.29
CA LEU A 77 -4.65 16.43 18.93
C LEU A 77 -3.61 17.53 18.78
N THR A 78 -3.15 17.72 17.55
CA THR A 78 -2.33 18.84 17.17
C THR A 78 -3.07 19.68 16.14
N ALA A 79 -2.53 20.87 15.88
CA ALA A 79 -2.99 21.74 14.82
C ALA A 79 -2.88 21.06 13.46
N GLU A 80 -1.82 20.30 13.21
CA GLU A 80 -1.73 19.52 11.97
C GLU A 80 -2.87 18.57 11.80
N ASP A 81 -3.30 17.95 12.91
CA ASP A 81 -4.43 17.04 12.88
C ASP A 81 -5.71 17.75 12.45
N LEU A 82 -5.97 18.92 13.02
CA LEU A 82 -7.20 19.67 12.69
C LEU A 82 -7.14 20.18 11.28
N SER A 83 -6.00 20.73 10.88
CA SER A 83 -5.85 21.18 9.51
C SER A 83 -6.11 20.05 8.50
N ALA A 84 -5.58 18.87 8.80
CA ALA A 84 -5.78 17.72 7.94
C ALA A 84 -7.26 17.29 7.92
N ALA A 85 -7.92 17.30 9.09
CA ALA A 85 -9.39 17.07 9.16
C ALA A 85 -10.23 18.03 8.28
N TRP A 86 -9.91 19.33 8.34
CA TRP A 86 -10.63 20.30 7.53
C TRP A 86 -10.38 20.07 6.05
N HIS A 87 -9.14 19.77 5.65
CA HIS A 87 -8.84 19.43 4.26
CA HIS A 87 -8.86 19.45 4.26
C HIS A 87 -9.57 18.15 3.84
N TYR A 88 -9.59 17.15 4.71
CA TYR A 88 -10.32 15.92 4.37
C TYR A 88 -11.82 16.22 4.12
N TYR A 89 -12.43 17.05 4.96
CA TYR A 89 -13.83 17.42 4.81
C TYR A 89 -14.11 18.12 3.48
N GLU A 90 -13.24 19.06 3.17
CA GLU A 90 -13.28 19.78 1.94
C GLU A 90 -13.19 18.83 0.73
N GLN A 91 -12.46 17.74 0.86
CA GLN A 91 -12.31 16.80 -0.23
C GLN A 91 -13.40 15.73 -0.24
N ASN A 92 -14.01 15.47 0.91
CA ASN A 92 -14.99 14.38 1.05
C ASN A 92 -16.26 14.87 1.77
N PRO A 93 -16.87 15.96 1.26
CA PRO A 93 -17.91 16.62 2.06
C PRO A 93 -19.14 15.74 2.25
N GLU A 94 -19.55 15.05 1.19
CA GLU A 94 -20.78 14.24 1.22
C GLU A 94 -20.66 13.11 2.22
N GLN A 95 -19.51 12.45 2.23
CA GLN A 95 -19.21 11.32 3.10
C GLN A 95 -19.33 11.74 4.56
N ILE A 96 -18.64 12.81 4.91
CA ILE A 96 -18.63 13.30 6.28
C ILE A 96 -20.03 13.75 6.72
N ASP A 97 -20.74 14.46 5.84
CA ASP A 97 -22.05 14.97 6.18
C ASP A 97 -23.02 13.85 6.53
N ARG A 98 -22.92 12.74 5.80
CA ARG A 98 -23.74 11.55 6.08
CA ARG A 98 -23.77 11.59 6.10
C ARG A 98 -23.39 10.96 7.45
N GLU A 99 -22.12 11.01 7.82
CA GLU A 99 -21.71 10.52 9.12
C GLU A 99 -22.23 11.41 10.27
N ILE A 100 -22.27 12.72 10.06
CA ILE A 100 -22.85 13.69 11.01
C ILE A 100 -24.35 13.55 11.15
N ALA A 101 -25.05 13.34 10.03
CA ALA A 101 -26.49 13.20 10.03
C ALA A 101 -26.94 12.05 10.91
N GLN A 102 -28.15 12.17 11.48
CA GLN A 102 -28.81 11.04 12.15
C GLN A 102 -29.29 9.99 11.13
N ASP A 103 -29.03 8.71 11.39
CA ASP A 103 -29.56 7.64 10.53
N ASN B 3 16.47 12.18 -6.92
CA ASN B 3 16.75 10.77 -7.04
C ASN B 3 15.82 9.94 -6.07
N LYS B 4 15.29 8.82 -6.54
CA LYS B 4 14.22 8.06 -5.83
C LYS B 4 14.74 7.33 -4.58
N LYS B 5 15.86 6.64 -4.72
CA LYS B 5 16.51 5.97 -3.61
C LYS B 5 16.72 6.99 -2.50
N THR B 6 17.25 8.17 -2.86
CA THR B 6 17.53 9.21 -1.90
C THR B 6 16.26 9.74 -1.24
N GLN B 7 15.26 10.01 -2.05
CA GLN B 7 13.96 10.47 -1.56
C GLN B 7 13.40 9.51 -0.49
N LEU B 8 13.43 8.22 -0.76
CA LEU B 8 12.97 7.23 0.22
C LEU B 8 13.84 7.12 1.49
N LEU B 9 15.17 7.20 1.35
CA LEU B 9 16.03 7.19 2.53
C LEU B 9 15.67 8.36 3.40
N GLU B 10 15.50 9.53 2.79
CA GLU B 10 15.23 10.75 3.53
C GLU B 10 13.89 10.67 4.27
N VAL B 11 12.87 10.11 3.62
CA VAL B 11 11.60 9.85 4.30
C VAL B 11 11.75 8.86 5.46
N ILE B 12 12.42 7.74 5.21
CA ILE B 12 12.52 6.66 6.17
C ILE B 12 13.34 7.13 7.38
N ALA B 13 14.37 7.94 7.13
CA ALA B 13 15.20 8.49 8.19
C ALA B 13 14.40 9.35 9.17
N ALA B 14 13.31 9.98 8.71
CA ALA B 14 12.47 10.83 9.57
C ALA B 14 11.22 10.11 10.10
N LEU B 15 11.03 8.84 9.78
CA LEU B 15 9.78 8.12 10.03
C LEU B 15 9.64 7.92 11.53
N PRO B 16 8.46 8.19 12.11
CA PRO B 16 8.22 7.86 13.52
C PRO B 16 8.53 6.40 13.86
N GLU B 17 9.22 6.18 14.97
CA GLU B 17 9.64 4.83 15.36
C GLU B 17 8.46 3.86 15.42
N GLU B 18 7.28 4.35 15.81
CA GLU B 18 6.12 3.50 15.91
C GLU B 18 5.60 2.98 14.56
N LEU B 19 6.16 3.47 13.46
CA LEU B 19 5.72 3.04 12.15
C LEU B 19 6.72 2.16 11.43
N VAL B 20 7.89 1.97 12.06
CA VAL B 20 8.94 1.16 11.46
C VAL B 20 8.48 -0.28 11.13
N ASP B 21 7.83 -0.96 12.07
CA ASP B 21 7.42 -2.33 11.83
C ASP B 21 6.49 -2.47 10.59
N GLN B 22 5.51 -1.57 10.45
CA GLN B 22 4.56 -1.61 9.34
C GLN B 22 5.28 -1.28 8.05
N ALA B 23 6.22 -0.36 8.08
CA ALA B 23 6.95 -0.01 6.87
C ALA B 23 7.80 -1.16 6.41
N LEU B 24 8.46 -1.82 7.35
CA LEU B 24 9.32 -2.94 7.05
C LEU B 24 8.53 -4.11 6.47
N ASN B 25 7.39 -4.39 7.10
CA ASN B 25 6.53 -5.43 6.62
C ASN B 25 6.08 -5.20 5.18
N TYR B 26 5.73 -3.94 4.87
CA TYR B 26 5.31 -3.58 3.52
C TYR B 26 6.44 -3.76 2.50
N VAL B 27 7.61 -3.20 2.78
CA VAL B 27 8.70 -3.32 1.82
C VAL B 27 9.19 -4.76 1.69
N GLN B 28 9.15 -5.53 2.76
CA GLN B 28 9.49 -6.95 2.67
C GLN B 28 8.53 -7.66 1.72
N LEU B 30 6.96 -6.24 -0.82
CA LEU B 30 7.29 -5.77 -2.17
C LEU B 30 8.50 -6.50 -2.77
N GLN B 31 9.37 -7.05 -1.92
CA GLN B 31 10.55 -7.80 -2.35
CA GLN B 31 10.53 -7.77 -2.41
C GLN B 31 10.18 -9.14 -3.04
N ASN B 32 8.96 -9.64 -2.81
CA ASN B 32 8.58 -10.90 -3.48
C ASN B 32 8.18 -10.62 -4.93
N PRO B 33 8.89 -11.19 -5.92
CA PRO B 33 8.56 -10.87 -7.32
C PRO B 33 7.20 -11.37 -7.80
N ILE B 34 6.58 -12.31 -7.08
CA ILE B 34 5.29 -12.88 -7.47
C ILE B 34 4.16 -12.28 -6.62
N GLN B 35 3.03 -11.97 -7.25
CA GLN B 35 1.93 -11.31 -6.56
C GLN B 35 0.64 -12.08 -6.83
N ILE B 36 -0.20 -12.18 -5.81
CA ILE B 36 -1.53 -12.79 -5.94
C ILE B 36 -2.57 -11.76 -5.45
N THR B 37 -3.50 -11.40 -6.33
CA THR B 37 -4.47 -10.31 -6.10
C THR B 37 -5.85 -10.70 -6.62
N PRO B 38 -6.81 -10.93 -5.71
CA PRO B 38 -8.15 -11.30 -6.20
C PRO B 38 -8.71 -10.24 -7.16
N GLY B 39 -9.36 -10.68 -8.22
CA GLY B 39 -9.85 -9.76 -9.25
C GLY B 39 -8.81 -9.10 -10.16
N VAL B 40 -7.54 -9.52 -10.07
CA VAL B 40 -6.54 -9.21 -11.08
C VAL B 40 -6.03 -10.51 -11.70
N CYS B 41 -6.06 -10.62 -13.03
CA CYS B 41 -5.76 -11.84 -13.74
C CYS B 41 -6.48 -13.04 -13.14
N GLY B 42 -7.74 -12.86 -12.77
CA GLY B 42 -8.52 -13.92 -12.13
C GLY B 42 -8.04 -14.35 -10.75
N GLY B 43 -7.27 -13.50 -10.07
CA GLY B 43 -6.68 -13.86 -8.76
C GLY B 43 -5.47 -14.79 -8.84
N GLN B 44 -5.05 -15.10 -10.07
CA GLN B 44 -3.91 -15.98 -10.31
C GLN B 44 -2.58 -15.32 -9.94
N ALA B 45 -1.61 -16.11 -9.51
CA ALA B 45 -0.26 -15.59 -9.26
C ALA B 45 0.36 -14.97 -10.52
N ARG B 46 0.99 -13.81 -10.34
CA ARG B 46 1.48 -13.02 -11.48
C ARG B 46 2.78 -12.32 -11.06
N ILE B 47 3.49 -11.82 -12.05
CA ILE B 47 4.68 -11.08 -11.79
C ILE B 47 4.19 -9.73 -11.24
N ARG B 48 4.80 -9.27 -10.17
CA ARG B 48 4.33 -8.08 -9.45
C ARG B 48 4.12 -6.82 -10.32
N ASN B 49 2.94 -6.23 -10.20
CA ASN B 49 2.58 -4.99 -10.89
C ASN B 49 2.48 -5.17 -12.41
N THR B 50 2.27 -6.42 -12.83
CA THR B 50 2.06 -6.75 -14.22
C THR B 50 0.77 -7.51 -14.41
N ARG B 51 0.37 -7.67 -15.66
CA ARG B 51 -0.76 -8.51 -15.97
C ARG B 51 -0.25 -9.81 -16.62
N ILE B 52 0.93 -10.26 -16.20
CA ILE B 52 1.56 -11.47 -16.70
C ILE B 52 1.44 -12.61 -15.65
N PRO B 53 0.44 -13.51 -15.82
CA PRO B 53 0.32 -14.63 -14.89
C PRO B 53 1.49 -15.63 -14.99
N VAL B 54 1.89 -16.18 -13.86
CA VAL B 54 2.94 -17.17 -13.82
C VAL B 54 2.60 -18.29 -14.82
N TRP B 55 1.34 -18.70 -14.85
CA TRP B 55 1.02 -19.86 -15.70
C TRP B 55 1.23 -19.59 -17.19
N THR B 56 1.13 -18.32 -17.61
CA THR B 56 1.30 -18.01 -19.04
CA THR B 56 1.30 -17.96 -19.01
C THR B 56 2.77 -18.14 -19.40
N LEU B 57 3.64 -17.80 -18.47
CA LEU B 57 5.06 -17.99 -18.69
C LEU B 57 5.43 -19.47 -18.82
N VAL B 58 4.84 -20.30 -17.98
CA VAL B 58 5.08 -21.72 -17.98
C VAL B 58 4.52 -22.29 -19.30
N ALA B 59 3.33 -21.87 -19.67
CA ALA B 59 2.67 -22.31 -20.90
C ALA B 59 3.54 -21.95 -22.12
N TYR B 60 4.02 -20.69 -22.22
CA TYR B 60 4.90 -20.32 -23.32
C TYR B 60 6.18 -21.16 -23.35
N ARG B 61 6.78 -21.42 -22.19
CA ARG B 61 7.95 -22.29 -22.13
C ARG B 61 7.61 -23.69 -22.67
N GLN B 62 6.48 -24.24 -22.21
CA GLN B 62 6.06 -25.59 -22.62
C GLN B 62 5.83 -25.65 -24.13
N GLN B 63 5.35 -24.57 -24.72
CA GLN B 63 5.16 -24.48 -26.17
C GLN B 63 6.44 -24.15 -26.93
N GLY B 64 7.57 -24.05 -26.23
CA GLY B 64 8.86 -23.97 -26.88
C GLY B 64 9.58 -22.63 -26.88
N ALA B 65 9.07 -21.64 -26.17
CA ALA B 65 9.73 -20.34 -26.05
C ALA B 65 10.92 -20.47 -25.11
N PRO B 66 12.13 -20.17 -25.60
CA PRO B 66 13.27 -20.10 -24.69
C PRO B 66 13.21 -18.85 -23.81
N ASP B 67 14.01 -18.81 -22.75
CA ASP B 67 14.01 -17.67 -21.85
C ASP B 67 14.32 -16.34 -22.55
N LYS B 68 15.26 -16.36 -23.50
CA LYS B 68 15.59 -15.16 -24.27
C LYS B 68 14.36 -14.55 -24.94
N GLU B 69 13.51 -15.40 -25.51
CA GLU B 69 12.28 -14.97 -26.15
C GLU B 69 11.28 -14.39 -25.10
N LEU B 70 11.13 -15.05 -23.95
CA LEU B 70 10.23 -14.55 -22.92
C LEU B 70 10.62 -13.12 -22.46
N LEU B 71 11.90 -12.94 -22.14
CA LEU B 71 12.41 -11.63 -21.69
C LEU B 71 12.32 -10.55 -22.76
N ALA B 72 12.43 -10.97 -24.01
CA ALA B 72 12.45 -10.06 -25.16
C ALA B 72 11.05 -9.59 -25.44
N ASN B 73 10.05 -10.46 -25.19
CA ASN B 73 8.63 -10.14 -25.35
CA ASN B 73 8.71 -9.98 -25.49
C ASN B 73 8.08 -9.15 -24.36
N TYR B 74 8.56 -9.29 -23.11
CA TYR B 74 8.05 -8.53 -21.96
C TYR B 74 9.19 -7.72 -21.38
N PRO B 75 9.25 -6.44 -21.72
CA PRO B 75 10.52 -5.75 -21.52
C PRO B 75 10.84 -5.34 -20.09
N GLY B 76 9.84 -5.25 -19.21
CA GLY B 76 10.17 -4.99 -17.80
C GLY B 76 10.52 -6.25 -16.98
N LEU B 77 10.43 -7.40 -17.62
CA LEU B 77 10.66 -8.68 -16.99
C LEU B 77 12.17 -9.00 -16.81
N THR B 78 12.58 -9.43 -15.63
CA THR B 78 13.99 -9.81 -15.40
C THR B 78 14.15 -11.33 -15.32
N ALA B 79 15.40 -11.77 -15.32
CA ALA B 79 15.78 -13.16 -15.04
C ALA B 79 15.28 -13.63 -13.69
N GLU B 80 15.38 -12.76 -12.69
CA GLU B 80 14.89 -13.07 -11.35
C GLU B 80 13.41 -13.25 -11.30
N ASP B 81 12.67 -12.51 -12.13
CA ASP B 81 11.23 -12.70 -12.26
C ASP B 81 10.91 -14.10 -12.80
N LEU B 82 11.61 -14.49 -13.87
CA LEU B 82 11.43 -15.82 -14.44
C LEU B 82 11.83 -16.85 -13.45
N SER B 83 13.01 -16.70 -12.85
CA SER B 83 13.43 -17.68 -11.87
C SER B 83 12.37 -17.78 -10.75
N ALA B 84 11.79 -16.66 -10.31
CA ALA B 84 10.73 -16.71 -9.30
C ALA B 84 9.48 -17.40 -9.80
N ALA B 85 9.11 -17.15 -11.06
CA ALA B 85 7.99 -17.85 -11.68
C ALA B 85 8.19 -19.38 -11.67
N TRP B 86 9.38 -19.78 -12.09
CA TRP B 86 9.72 -21.20 -12.13
C TRP B 86 9.69 -21.85 -10.75
N HIS B 87 10.14 -21.12 -9.72
CA HIS B 87 10.08 -21.58 -8.35
C HIS B 87 8.62 -21.67 -7.88
N TYR B 88 7.80 -20.68 -8.26
CA TYR B 88 6.39 -20.69 -7.86
C TYR B 88 5.73 -21.91 -8.46
N TYR B 89 6.04 -22.20 -9.74
CA TYR B 89 5.50 -23.41 -10.38
C TYR B 89 5.89 -24.70 -9.65
N GLU B 90 7.17 -24.79 -9.28
CA GLU B 90 7.68 -25.95 -8.56
C GLU B 90 6.95 -26.16 -7.26
N GLN B 91 6.61 -25.08 -6.57
CA GLN B 91 5.88 -25.17 -5.31
C GLN B 91 4.37 -25.33 -5.50
N ASN B 92 3.86 -24.98 -6.68
CA ASN B 92 2.41 -25.03 -6.93
C ASN B 92 2.04 -25.67 -8.25
N PRO B 93 2.54 -26.88 -8.52
CA PRO B 93 2.43 -27.45 -9.88
C PRO B 93 0.99 -27.80 -10.30
N GLU B 94 0.20 -28.32 -9.36
CA GLU B 94 -1.22 -28.65 -9.64
C GLU B 94 -2.02 -27.42 -10.06
N GLN B 95 -1.91 -26.36 -9.26
CA GLN B 95 -2.58 -25.11 -9.54
C GLN B 95 -2.19 -24.56 -10.94
N ILE B 96 -0.91 -24.48 -11.24
CA ILE B 96 -0.47 -23.92 -12.50
C ILE B 96 -0.88 -24.82 -13.66
N ASP B 97 -0.70 -26.13 -13.51
CA ASP B 97 -1.08 -27.06 -14.59
C ASP B 97 -2.58 -26.96 -14.90
N ARG B 98 -3.39 -26.71 -13.89
CA ARG B 98 -4.82 -26.49 -14.05
C ARG B 98 -5.11 -25.23 -14.86
N GLU B 99 -4.48 -24.12 -14.48
CA GLU B 99 -4.60 -22.84 -15.18
C GLU B 99 -4.25 -23.01 -16.66
N ILE B 100 -3.15 -23.71 -16.93
CA ILE B 100 -2.75 -24.00 -18.32
C ILE B 100 -3.79 -24.85 -19.06
N ALA B 101 -4.29 -25.90 -18.42
CA ALA B 101 -5.34 -26.73 -19.03
C ALA B 101 -6.67 -25.98 -19.24
N GLN B 102 -7.07 -25.11 -18.30
CA GLN B 102 -8.34 -24.36 -18.43
C GLN B 102 -8.19 -23.15 -19.34
#